data_2K84
#
_entry.id   2K84
#
_entity_poly.entity_id   1
_entity_poly.type   'polypeptide(L)'
_entity_poly.pdbx_seq_one_letter_code
;LYPDLSEIKKEYNVKEKDQVEDLNLDSLWE
;
_entity_poly.pdbx_strand_id   A
#
# COMPACT_ATOMS: atom_id res chain seq x y z
N LEU A 1 -13.26 1.71 15.18
CA LEU A 1 -13.53 0.38 15.79
C LEU A 1 -13.81 -0.67 14.71
N TYR A 2 -14.10 -1.89 15.15
CA TYR A 2 -14.39 -2.99 14.20
C TYR A 2 -13.25 -3.16 13.19
N PRO A 3 -13.30 -4.19 12.32
CA PRO A 3 -12.28 -4.40 11.31
C PRO A 3 -12.21 -3.24 10.35
N ASP A 4 -11.32 -3.35 9.38
CA ASP A 4 -11.21 -2.35 8.37
C ASP A 4 -12.42 -2.49 7.45
N LEU A 5 -13.11 -3.62 7.64
CA LEU A 5 -14.27 -3.96 6.86
C LEU A 5 -13.86 -4.08 5.39
N SER A 6 -12.55 -4.00 5.16
CA SER A 6 -11.97 -4.12 3.84
C SER A 6 -11.09 -5.36 3.77
N GLU A 7 -10.01 -5.34 4.57
CA GLU A 7 -9.02 -6.44 4.65
C GLU A 7 -9.00 -7.40 3.43
N ILE A 8 -9.35 -6.85 2.28
CA ILE A 8 -9.41 -7.53 0.99
C ILE A 8 -10.08 -6.54 0.09
N LYS A 9 -9.44 -5.40 0.14
CA LYS A 9 -9.83 -4.18 -0.50
C LYS A 9 -8.79 -3.16 -0.06
N LYS A 10 -8.49 -3.27 1.24
CA LYS A 10 -7.48 -2.52 1.92
C LYS A 10 -6.13 -3.02 1.43
N GLU A 11 -5.96 -4.34 1.58
CA GLU A 11 -4.75 -5.03 1.13
C GLU A 11 -4.65 -4.86 -0.37
N TYR A 12 -5.81 -4.66 -0.97
CA TYR A 12 -5.92 -4.44 -2.40
C TYR A 12 -5.66 -2.98 -2.64
N ASN A 13 -5.93 -2.23 -1.61
CA ASN A 13 -5.76 -0.81 -1.61
C ASN A 13 -4.36 -0.45 -1.18
N VAL A 14 -3.67 -1.44 -0.63
CA VAL A 14 -2.33 -1.21 -0.16
C VAL A 14 -1.30 -1.84 -1.08
N LYS A 15 -1.65 -2.96 -1.67
CA LYS A 15 -0.77 -3.66 -2.58
C LYS A 15 -0.38 -2.75 -3.73
N GLU A 16 -1.28 -1.84 -4.02
CA GLU A 16 -1.10 -0.87 -5.09
C GLU A 16 -0.19 0.26 -4.61
N LYS A 17 -0.16 0.42 -3.29
CA LYS A 17 0.63 1.41 -2.64
C LYS A 17 1.90 0.79 -2.12
N ASP A 18 1.78 -0.46 -1.75
CA ASP A 18 2.92 -1.21 -1.27
C ASP A 18 3.79 -1.58 -2.45
N GLN A 19 3.45 -0.98 -3.60
CA GLN A 19 4.14 -1.22 -4.82
C GLN A 19 4.58 0.08 -5.50
N VAL A 20 4.25 1.22 -4.89
CA VAL A 20 4.60 2.52 -5.46
C VAL A 20 5.44 3.36 -4.50
N GLU A 21 5.04 3.41 -3.24
CA GLU A 21 5.78 4.20 -2.24
C GLU A 21 7.29 4.00 -2.46
N ASP A 22 7.64 2.80 -2.90
CA ASP A 22 9.03 2.47 -3.18
C ASP A 22 9.60 3.38 -4.22
N LEU A 23 8.87 3.50 -5.31
CA LEU A 23 9.29 4.34 -6.40
C LEU A 23 9.19 5.82 -6.08
N ASN A 24 9.15 6.11 -4.79
CA ASN A 24 9.12 7.46 -4.29
C ASN A 24 10.06 7.57 -3.10
N LEU A 25 10.15 6.48 -2.35
CA LEU A 25 11.04 6.38 -1.20
C LEU A 25 11.91 5.14 -1.36
N ASP A 26 12.43 4.99 -2.57
CA ASP A 26 13.27 3.88 -2.94
C ASP A 26 13.69 3.95 -4.40
N SER A 27 12.88 4.61 -5.23
CA SER A 27 13.22 4.75 -6.64
C SER A 27 14.17 5.90 -6.84
N LEU A 28 14.09 6.89 -5.96
CA LEU A 28 14.94 8.07 -6.05
C LEU A 28 16.04 8.02 -5.00
N TRP A 29 16.23 6.84 -4.44
CA TRP A 29 17.25 6.59 -3.44
C TRP A 29 18.25 5.58 -4.00
N GLU A 30 17.90 5.08 -5.17
CA GLU A 30 18.65 4.07 -5.89
C GLU A 30 19.85 4.69 -6.62
N LEU A 1 -17.50 -2.94 17.65
CA LEU A 1 -16.88 -2.16 16.55
C LEU A 1 -17.16 -2.80 15.18
N TYR A 2 -16.56 -2.24 14.13
CA TYR A 2 -16.75 -2.77 12.78
C TYR A 2 -15.42 -3.08 12.11
N PRO A 3 -15.45 -3.82 10.98
CA PRO A 3 -14.26 -4.17 10.23
C PRO A 3 -13.59 -2.95 9.66
N ASP A 4 -12.53 -3.17 8.90
CA ASP A 4 -11.85 -2.09 8.25
C ASP A 4 -12.72 -1.62 7.11
N LEU A 5 -13.75 -2.43 6.84
CA LEU A 5 -14.68 -2.18 5.77
C LEU A 5 -13.93 -2.20 4.45
N SER A 6 -12.65 -2.57 4.53
CA SER A 6 -11.79 -2.65 3.37
C SER A 6 -11.30 -4.09 3.18
N GLU A 7 -10.49 -4.57 4.13
CA GLU A 7 -9.91 -5.92 4.12
C GLU A 7 -9.91 -6.62 2.72
N ILE A 8 -9.81 -5.80 1.69
CA ILE A 8 -9.79 -6.20 0.29
C ILE A 8 -9.90 -4.89 -0.44
N LYS A 9 -8.98 -4.07 -0.03
CA LYS A 9 -8.82 -2.70 -0.41
C LYS A 9 -7.65 -2.18 0.41
N LYS A 10 -7.68 -2.61 1.67
CA LYS A 10 -6.65 -2.38 2.65
C LYS A 10 -5.44 -3.22 2.26
N GLU A 11 -5.72 -4.50 2.08
CA GLU A 11 -4.72 -5.48 1.64
C GLU A 11 -4.27 -5.10 0.25
N TYR A 12 -5.18 -4.45 -0.46
CA TYR A 12 -4.93 -3.94 -1.79
C TYR A 12 -4.17 -2.66 -1.62
N ASN A 13 -4.41 -2.07 -0.47
CA ASN A 13 -3.77 -0.86 -0.09
C ASN A 13 -2.41 -1.16 0.48
N VAL A 14 -2.17 -2.44 0.71
CA VAL A 14 -0.92 -2.87 1.25
C VAL A 14 0.01 -3.30 0.15
N LYS A 15 -0.49 -4.17 -0.68
CA LYS A 15 0.27 -4.65 -1.81
C LYS A 15 0.58 -3.50 -2.73
N GLU A 16 -0.27 -2.49 -2.64
CA GLU A 16 -0.15 -1.27 -3.43
C GLU A 16 0.84 -0.32 -2.77
N LYS A 17 1.01 -0.52 -1.47
CA LYS A 17 1.91 0.26 -0.65
C LYS A 17 3.21 -0.47 -0.53
N ASP A 18 3.10 -1.78 -0.54
CA ASP A 18 4.28 -2.62 -0.49
C ASP A 18 4.94 -2.60 -1.86
N GLN A 19 4.44 -1.73 -2.72
CA GLN A 19 4.92 -1.59 -4.06
C GLN A 19 5.11 -0.12 -4.48
N VAL A 20 4.57 0.80 -3.69
CA VAL A 20 4.69 2.22 -4.02
C VAL A 20 5.78 2.90 -3.23
N GLU A 21 5.91 2.57 -1.95
CA GLU A 21 6.95 3.17 -1.10
C GLU A 21 8.25 3.27 -1.89
N ASP A 22 8.47 2.30 -2.78
CA ASP A 22 9.65 2.27 -3.62
C ASP A 22 9.72 3.52 -4.47
N LEU A 23 8.59 3.87 -5.04
CA LEU A 23 8.50 5.03 -5.89
C LEU A 23 8.58 6.33 -5.08
N ASN A 24 9.13 6.21 -3.89
CA ASN A 24 9.33 7.34 -2.99
C ASN A 24 10.68 7.15 -2.28
N LEU A 25 10.98 5.90 -1.96
CA LEU A 25 12.23 5.55 -1.32
C LEU A 25 12.99 4.60 -2.23
N ASP A 26 13.00 4.98 -3.51
CA ASP A 26 13.66 4.21 -4.55
C ASP A 26 13.43 4.85 -5.91
N SER A 27 12.30 5.52 -6.07
CA SER A 27 11.97 6.18 -7.33
C SER A 27 12.99 7.26 -7.63
N LEU A 28 13.36 7.99 -6.59
CA LEU A 28 14.35 9.06 -6.71
C LEU A 28 15.76 8.46 -6.61
N TRP A 29 15.81 7.16 -6.77
CA TRP A 29 17.04 6.40 -6.72
C TRP A 29 17.29 5.69 -8.04
N GLU A 30 16.25 5.66 -8.86
CA GLU A 30 16.29 5.02 -10.16
C GLU A 30 17.21 5.77 -11.13
N LEU A 1 -20.03 -4.04 16.32
CA LEU A 1 -18.77 -4.82 16.37
C LEU A 1 -18.54 -5.57 15.06
N TYR A 2 -18.04 -4.86 14.06
CA TYR A 2 -17.78 -5.46 12.75
C TYR A 2 -16.39 -5.09 12.25
N PRO A 3 -15.91 -5.77 11.19
CA PRO A 3 -14.61 -5.53 10.60
C PRO A 3 -14.53 -4.16 9.95
N ASP A 4 -13.34 -3.85 9.45
CA ASP A 4 -13.15 -2.61 8.74
C ASP A 4 -13.98 -2.66 7.48
N LEU A 5 -14.34 -3.89 7.12
CA LEU A 5 -15.11 -4.16 5.93
C LEU A 5 -14.28 -3.85 4.69
N SER A 6 -13.06 -3.37 4.93
CA SER A 6 -12.16 -3.05 3.85
C SER A 6 -10.72 -3.46 4.17
N GLU A 7 -10.51 -4.18 5.28
CA GLU A 7 -9.18 -4.63 5.66
C GLU A 7 -8.74 -5.78 4.74
N ILE A 8 -9.04 -5.62 3.47
CA ILE A 8 -8.72 -6.55 2.39
C ILE A 8 -9.19 -5.83 1.16
N LYS A 9 -8.70 -4.62 1.14
CA LYS A 9 -8.99 -3.61 0.16
C LYS A 9 -8.08 -2.45 0.49
N LYS A 10 -8.03 -2.18 1.80
CA LYS A 10 -7.17 -1.19 2.38
C LYS A 10 -5.76 -1.74 2.36
N GLU A 11 -5.62 -2.95 2.89
CA GLU A 11 -4.35 -3.67 2.89
C GLU A 11 -3.95 -3.92 1.46
N TYR A 12 -4.97 -3.97 0.61
CA TYR A 12 -4.80 -4.15 -0.81
C TYR A 12 -4.50 -2.81 -1.40
N ASN A 13 -4.97 -1.81 -0.68
CA ASN A 13 -4.79 -0.44 -1.03
C ASN A 13 -3.48 0.07 -0.51
N VAL A 14 -2.88 -0.70 0.38
CA VAL A 14 -1.63 -0.32 0.98
C VAL A 14 -0.48 -1.05 0.35
N LYS A 15 -0.71 -2.30 -0.01
CA LYS A 15 0.29 -3.12 -0.63
C LYS A 15 0.73 -2.50 -1.94
N GLU A 16 -0.18 -1.74 -2.52
CA GLU A 16 0.05 -1.04 -3.77
C GLU A 16 0.83 0.24 -3.51
N LYS A 17 0.72 0.71 -2.27
CA LYS A 17 1.39 1.90 -1.82
C LYS A 17 2.65 1.51 -1.11
N ASP A 18 2.59 0.38 -0.47
CA ASP A 18 3.75 -0.15 0.22
C ASP A 18 4.70 -0.73 -0.80
N GLN A 19 4.39 -0.47 -2.06
CA GLN A 19 5.18 -0.96 -3.16
C GLN A 19 5.50 0.12 -4.19
N VAL A 20 4.80 1.26 -4.11
CA VAL A 20 5.03 2.35 -5.06
C VAL A 20 5.93 3.44 -4.47
N GLU A 21 5.69 3.79 -3.22
CA GLU A 21 6.52 4.81 -2.56
C GLU A 21 7.99 4.62 -2.92
N ASP A 22 8.37 3.35 -3.11
CA ASP A 22 9.72 2.99 -3.48
C ASP A 22 10.09 3.64 -4.79
N LEU A 23 9.19 3.54 -5.74
CA LEU A 23 9.40 4.11 -7.06
C LEU A 23 9.38 5.63 -7.03
N ASN A 24 9.56 6.18 -5.85
CA ASN A 24 9.61 7.61 -5.64
C ASN A 24 10.71 7.91 -4.62
N LEU A 25 10.84 7.02 -3.65
CA LEU A 25 11.86 7.13 -2.62
C LEU A 25 12.75 5.91 -2.69
N ASP A 26 13.12 5.57 -3.92
CA ASP A 26 13.97 4.44 -4.21
C ASP A 26 14.14 4.28 -5.72
N SER A 27 13.14 4.69 -6.48
CA SER A 27 13.20 4.59 -7.94
C SER A 27 14.33 5.44 -8.47
N LEU A 28 14.47 6.62 -7.88
CA LEU A 28 15.53 7.55 -8.28
C LEU A 28 16.82 7.19 -7.54
N TRP A 29 16.82 5.99 -6.99
CA TRP A 29 17.94 5.46 -6.24
C TRP A 29 18.48 4.20 -6.91
N GLU A 30 17.68 3.68 -7.84
CA GLU A 30 18.02 2.48 -8.57
C GLU A 30 19.21 2.70 -9.50
N LEU A 1 -15.15 0.99 15.30
CA LEU A 1 -14.90 -0.38 15.83
C LEU A 1 -14.91 -1.42 14.71
N TYR A 2 -15.02 -2.69 15.10
CA TYR A 2 -15.05 -3.79 14.11
C TYR A 2 -13.83 -3.73 13.19
N PRO A 3 -13.63 -4.72 12.30
CA PRO A 3 -12.50 -4.72 11.37
C PRO A 3 -12.53 -3.53 10.45
N ASP A 4 -11.59 -3.48 9.54
CA ASP A 4 -11.56 -2.43 8.56
C ASP A 4 -12.70 -2.68 7.60
N LEU A 5 -13.26 -3.88 7.72
CA LEU A 5 -14.35 -4.33 6.87
C LEU A 5 -13.85 -4.39 5.42
N SER A 6 -12.55 -4.15 5.27
CA SER A 6 -11.89 -4.19 3.98
C SER A 6 -10.89 -5.33 3.95
N GLU A 7 -9.83 -5.21 4.78
CA GLU A 7 -8.74 -6.20 4.91
C GLU A 7 -8.63 -7.19 3.72
N ILE A 8 -9.03 -6.73 2.55
CA ILE A 8 -9.02 -7.46 1.28
C ILE A 8 -9.75 -6.53 0.34
N LYS A 9 -9.19 -5.36 0.36
CA LYS A 9 -9.66 -4.19 -0.32
C LYS A 9 -8.69 -3.10 0.09
N LYS A 10 -8.39 -3.13 1.39
CA LYS A 10 -7.42 -2.28 2.04
C LYS A 10 -6.05 -2.72 1.58
N GLU A 11 -5.79 -4.01 1.78
CA GLU A 11 -4.55 -4.65 1.35
C GLU A 11 -4.45 -4.54 -0.15
N TYR A 12 -5.63 -4.45 -0.76
CA TYR A 12 -5.75 -4.28 -2.20
C TYR A 12 -5.57 -2.82 -2.49
N ASN A 13 -5.89 -2.05 -1.49
CA ASN A 13 -5.79 -0.62 -1.54
C ASN A 13 -4.40 -0.18 -1.15
N VAL A 14 -3.66 -1.10 -0.55
CA VAL A 14 -2.34 -0.80 -0.10
C VAL A 14 -1.26 -1.48 -0.93
N LYS A 15 -1.57 -2.65 -1.44
CA LYS A 15 -0.65 -3.41 -2.26
C LYS A 15 -0.24 -2.61 -3.48
N GLU A 16 -1.14 -1.73 -3.88
CA GLU A 16 -0.92 -0.86 -5.02
C GLU A 16 -0.07 0.32 -4.61
N LYS A 17 -0.09 0.60 -3.32
CA LYS A 17 0.65 1.68 -2.72
C LYS A 17 1.91 1.15 -2.11
N ASP A 18 1.81 -0.06 -1.62
CA ASP A 18 2.95 -0.73 -1.03
C ASP A 18 3.87 -1.20 -2.13
N GLN A 19 3.56 -0.74 -3.34
CA GLN A 19 4.31 -1.10 -4.51
C GLN A 19 4.76 0.13 -5.31
N VAL A 20 4.35 1.33 -4.86
CA VAL A 20 4.72 2.55 -5.56
C VAL A 20 5.53 3.49 -4.68
N GLU A 21 5.09 3.70 -3.44
CA GLU A 21 5.80 4.59 -2.52
C GLU A 21 7.31 4.38 -2.66
N ASP A 22 7.68 3.15 -2.97
CA ASP A 22 9.08 2.78 -3.17
C ASP A 22 9.68 3.56 -4.31
N LEU A 23 9.00 3.52 -5.43
CA LEU A 23 9.45 4.18 -6.63
C LEU A 23 9.37 5.69 -6.51
N ASN A 24 9.27 6.17 -5.28
CA ASN A 24 9.24 7.58 -4.99
C ASN A 24 10.08 7.85 -3.74
N LEU A 25 10.04 6.90 -2.82
CA LEU A 25 10.82 6.99 -1.60
C LEU A 25 11.76 5.80 -1.54
N ASP A 26 12.37 5.53 -2.67
CA ASP A 26 13.30 4.43 -2.83
C ASP A 26 13.81 4.36 -4.27
N SER A 27 12.98 4.79 -5.22
CA SER A 27 13.36 4.77 -6.63
C SER A 27 14.54 5.69 -6.85
N LEU A 28 14.48 6.84 -6.20
CA LEU A 28 15.55 7.84 -6.30
C LEU A 28 16.66 7.51 -5.32
N TRP A 29 16.62 6.28 -4.83
CA TRP A 29 17.56 5.76 -3.88
C TRP A 29 18.31 4.56 -4.46
N GLU A 30 17.78 4.08 -5.59
CA GLU A 30 18.32 2.94 -6.29
C GLU A 30 19.60 3.32 -7.04
N LEU A 1 -18.96 -2.31 14.53
CA LEU A 1 -19.37 -3.70 14.19
C LEU A 1 -18.99 -4.05 12.75
N TYR A 2 -19.47 -5.19 12.28
CA TYR A 2 -19.20 -5.64 10.91
C TYR A 2 -17.69 -5.68 10.65
N PRO A 3 -17.25 -6.17 9.47
CA PRO A 3 -15.82 -6.22 9.13
C PRO A 3 -15.17 -4.87 9.17
N ASP A 4 -13.90 -4.84 8.82
CA ASP A 4 -13.16 -3.61 8.74
C ASP A 4 -13.77 -2.81 7.61
N LEU A 5 -14.45 -3.53 6.73
CA LEU A 5 -15.09 -2.97 5.58
C LEU A 5 -14.06 -2.43 4.60
N SER A 6 -12.80 -2.52 4.99
CA SER A 6 -11.70 -2.06 4.16
C SER A 6 -10.46 -2.94 4.30
N GLU A 7 -10.61 -4.12 4.92
CA GLU A 7 -9.47 -5.02 5.07
C GLU A 7 -9.25 -5.78 3.76
N ILE A 8 -9.35 -5.03 2.68
CA ILE A 8 -9.17 -5.48 1.31
C ILE A 8 -9.28 -4.21 0.50
N LYS A 9 -8.49 -3.30 1.02
CA LYS A 9 -8.37 -1.94 0.58
C LYS A 9 -7.23 -1.34 1.37
N LYS A 10 -7.25 -1.68 2.67
CA LYS A 10 -6.23 -1.31 3.61
C LYS A 10 -5.02 -2.18 3.34
N GLU A 11 -5.29 -3.48 3.26
CA GLU A 11 -4.27 -4.47 2.93
C GLU A 11 -3.79 -4.20 1.52
N TYR A 12 -4.69 -3.63 0.74
CA TYR A 12 -4.42 -3.23 -0.62
C TYR A 12 -3.69 -1.93 -0.56
N ASN A 13 -3.95 -1.25 0.53
CA ASN A 13 -3.35 0.00 0.82
C ASN A 13 -1.98 -0.23 1.43
N VAL A 14 -1.73 -1.49 1.75
CA VAL A 14 -0.48 -1.86 2.34
C VAL A 14 0.46 -2.40 1.31
N LYS A 15 -0.02 -3.36 0.57
CA LYS A 15 0.74 -3.97 -0.48
C LYS A 15 1.08 -2.92 -1.53
N GLU A 16 0.21 -1.91 -1.56
CA GLU A 16 0.36 -0.79 -2.48
C GLU A 16 1.37 0.22 -1.91
N LYS A 17 1.51 0.17 -0.60
CA LYS A 17 2.43 1.01 0.13
C LYS A 17 3.72 0.27 0.34
N ASP A 18 3.58 -1.04 0.46
CA ASP A 18 4.74 -1.88 0.61
C ASP A 18 5.39 -2.05 -0.76
N GLN A 19 4.90 -1.26 -1.71
CA GLN A 19 5.37 -1.30 -3.06
C GLN A 19 5.58 0.10 -3.64
N VAL A 20 4.80 1.08 -3.17
CA VAL A 20 4.89 2.45 -3.66
C VAL A 20 6.12 3.16 -3.12
N GLU A 21 6.38 2.99 -1.82
CA GLU A 21 7.55 3.63 -1.19
C GLU A 21 8.74 3.58 -2.15
N ASP A 22 8.82 2.50 -2.92
CA ASP A 22 9.88 2.30 -3.90
C ASP A 22 9.89 3.43 -4.89
N LEU A 23 8.71 3.75 -5.38
CA LEU A 23 8.55 4.81 -6.35
C LEU A 23 8.76 6.19 -5.74
N ASN A 24 9.45 6.19 -4.61
CA ASN A 24 9.79 7.41 -3.90
C ASN A 24 11.20 7.26 -3.34
N LEU A 25 11.51 6.03 -2.89
CA LEU A 25 12.81 5.70 -2.36
C LEU A 25 13.43 4.62 -3.23
N ASP A 26 13.30 4.83 -4.53
CA ASP A 26 13.81 3.91 -5.53
C ASP A 26 13.43 4.39 -6.94
N SER A 27 12.31 5.10 -7.04
CA SER A 27 11.85 5.60 -8.33
C SER A 27 12.86 6.59 -8.88
N LEU A 28 13.37 7.43 -7.99
CA LEU A 28 14.36 8.42 -8.36
C LEU A 28 15.75 7.80 -8.35
N TRP A 29 15.76 6.48 -8.35
CA TRP A 29 16.96 5.68 -8.32
C TRP A 29 17.04 4.82 -9.59
N GLU A 30 15.91 4.76 -10.29
CA GLU A 30 15.77 3.98 -11.50
C GLU A 30 16.48 4.65 -12.67
N LEU A 1 -22.07 -6.66 13.42
CA LEU A 1 -20.73 -6.99 13.97
C LEU A 1 -19.85 -7.65 12.92
N TYR A 2 -19.30 -6.84 12.02
CA TYR A 2 -18.44 -7.36 10.95
C TYR A 2 -17.18 -6.50 10.80
N PRO A 3 -16.20 -6.99 10.04
CA PRO A 3 -14.95 -6.28 9.79
C PRO A 3 -15.15 -4.99 9.05
N ASP A 4 -14.05 -4.30 8.79
CA ASP A 4 -14.10 -3.08 8.03
C ASP A 4 -14.58 -3.43 6.64
N LEU A 5 -14.44 -4.72 6.33
CA LEU A 5 -14.82 -5.26 5.04
C LEU A 5 -13.88 -4.75 3.96
N SER A 6 -12.95 -3.89 4.37
CA SER A 6 -11.96 -3.35 3.47
C SER A 6 -10.57 -3.37 4.08
N GLU A 7 -10.43 -3.93 5.29
CA GLU A 7 -9.13 -4.02 5.93
C GLU A 7 -8.30 -5.12 5.26
N ILE A 8 -8.39 -5.14 3.95
CA ILE A 8 -7.70 -6.06 3.05
C ILE A 8 -8.02 -5.54 1.69
N LYS A 9 -7.78 -4.25 1.64
CA LYS A 9 -8.05 -3.38 0.52
C LYS A 9 -7.42 -2.06 0.88
N LYS A 10 -7.66 -1.69 2.14
CA LYS A 10 -7.11 -0.51 2.76
C LYS A 10 -5.64 -0.79 3.04
N GLU A 11 -5.42 -1.92 3.71
CA GLU A 11 -4.07 -2.40 4.02
C GLU A 11 -3.37 -2.71 2.71
N TYR A 12 -4.20 -3.01 1.72
CA TYR A 12 -3.74 -3.28 0.38
C TYR A 12 -3.54 -1.96 -0.30
N ASN A 13 -4.28 -1.01 0.20
CA ASN A 13 -4.25 0.34 -0.28
C ASN A 13 -3.12 1.10 0.39
N VAL A 14 -2.59 0.51 1.44
CA VAL A 14 -1.53 1.12 2.18
C VAL A 14 -0.20 0.50 1.85
N LYS A 15 -0.21 -0.82 1.76
CA LYS A 15 0.98 -1.56 1.43
C LYS A 15 1.48 -1.13 0.08
N GLU A 16 0.56 -0.67 -0.73
CA GLU A 16 0.83 -0.19 -2.08
C GLU A 16 1.45 1.21 -2.00
N LYS A 17 1.11 1.89 -0.93
CA LYS A 17 1.60 3.22 -0.65
C LYS A 17 2.80 3.13 0.22
N ASP A 18 2.80 2.11 1.04
CA ASP A 18 3.93 1.86 1.92
C ASP A 18 5.02 1.17 1.11
N GLN A 19 4.78 1.10 -0.21
CA GLN A 19 5.69 0.47 -1.11
C GLN A 19 5.90 1.30 -2.38
N VAL A 20 4.87 2.06 -2.79
CA VAL A 20 4.97 2.88 -3.99
C VAL A 20 5.99 3.98 -3.78
N GLU A 21 5.89 4.68 -2.66
CA GLU A 21 6.83 5.75 -2.34
C GLU A 21 8.24 5.34 -2.75
N ASP A 22 8.52 4.05 -2.60
CA ASP A 22 9.80 3.47 -2.98
C ASP A 22 9.97 3.52 -4.47
N LEU A 23 8.97 3.03 -5.16
CA LEU A 23 9.00 3.00 -6.59
C LEU A 23 8.99 4.39 -7.20
N ASN A 24 9.34 5.35 -6.38
CA ASN A 24 9.44 6.74 -6.79
C ASN A 24 10.77 7.30 -6.30
N LEU A 25 11.21 6.80 -5.14
CA LEU A 25 12.48 7.19 -4.55
C LEU A 25 13.29 5.94 -4.26
N ASP A 26 13.22 5.01 -5.19
CA ASP A 26 13.90 3.74 -5.12
C ASP A 26 13.72 2.94 -6.41
N SER A 27 12.66 3.19 -7.15
CA SER A 27 12.43 2.47 -8.39
C SER A 27 13.15 3.16 -9.54
N LEU A 28 13.37 4.46 -9.38
CA LEU A 28 14.06 5.23 -10.42
C LEU A 28 15.48 5.57 -9.98
N TRP A 29 15.92 4.88 -8.95
CA TRP A 29 17.26 5.05 -8.41
C TRP A 29 18.04 3.73 -8.60
N GLU A 30 17.30 2.74 -9.08
CA GLU A 30 17.81 1.40 -9.30
C GLU A 30 18.45 1.25 -10.68
N LEU A 1 -18.10 -4.95 17.88
CA LEU A 1 -18.28 -4.31 16.56
C LEU A 1 -17.87 -5.24 15.42
N TYR A 2 -17.67 -4.69 14.24
CA TYR A 2 -17.27 -5.49 13.07
C TYR A 2 -16.00 -4.94 12.43
N PRO A 3 -15.37 -5.73 11.55
CA PRO A 3 -14.16 -5.33 10.86
C PRO A 3 -14.38 -4.17 9.91
N ASP A 4 -13.31 -3.71 9.32
CA ASP A 4 -13.39 -2.66 8.34
C ASP A 4 -14.14 -3.20 7.14
N LEU A 5 -14.16 -4.53 7.08
CA LEU A 5 -14.80 -5.24 6.00
C LEU A 5 -14.03 -5.02 4.71
N SER A 6 -12.97 -4.23 4.80
CA SER A 6 -12.13 -3.93 3.66
C SER A 6 -10.65 -3.91 4.05
N GLU A 7 -10.33 -4.29 5.29
CA GLU A 7 -8.94 -4.32 5.73
C GLU A 7 -8.21 -5.51 5.10
N ILE A 8 -8.49 -5.70 3.82
CA ILE A 8 -7.93 -6.75 2.99
C ILE A 8 -8.49 -6.45 1.63
N LYS A 9 -8.29 -5.19 1.34
CA LYS A 9 -8.76 -4.51 0.15
C LYS A 9 -8.15 -3.13 0.21
N LYS A 10 -8.21 -2.57 1.43
CA LYS A 10 -7.63 -1.31 1.77
C LYS A 10 -6.12 -1.51 1.86
N GLU A 11 -5.75 -2.51 2.66
CA GLU A 11 -4.35 -2.90 2.81
C GLU A 11 -3.83 -3.36 1.47
N TYR A 12 -4.77 -3.83 0.66
CA TYR A 12 -4.50 -4.27 -0.69
C TYR A 12 -4.47 -3.05 -1.56
N ASN A 13 -5.19 -2.06 -1.08
CA ASN A 13 -5.30 -0.80 -1.73
C ASN A 13 -4.15 0.09 -1.33
N VAL A 14 -3.46 -0.32 -0.28
CA VAL A 14 -2.35 0.44 0.23
C VAL A 14 -1.02 -0.21 -0.09
N LYS A 15 -1.02 -1.52 -0.16
CA LYS A 15 0.18 -2.27 -0.46
C LYS A 15 0.73 -1.86 -1.80
N GLU A 16 -0.18 -1.43 -2.66
CA GLU A 16 0.16 -0.98 -4.00
C GLU A 16 0.72 0.43 -3.94
N LYS A 17 0.34 1.14 -2.87
CA LYS A 17 0.78 2.48 -2.63
C LYS A 17 1.93 2.47 -1.67
N ASP A 18 1.91 1.50 -0.80
CA ASP A 18 2.99 1.33 0.15
C ASP A 18 4.16 0.67 -0.55
N GLN A 19 4.04 0.57 -1.87
CA GLN A 19 5.05 -0.05 -2.68
C GLN A 19 5.47 0.83 -3.87
N VAL A 20 4.55 1.67 -4.34
CA VAL A 20 4.84 2.55 -5.47
C VAL A 20 5.69 3.73 -5.04
N GLU A 21 5.31 4.35 -3.94
CA GLU A 21 6.07 5.50 -3.40
C GLU A 21 7.57 5.19 -3.48
N ASP A 22 7.89 3.91 -3.31
CA ASP A 22 9.27 3.44 -3.38
C ASP A 22 9.86 3.76 -4.73
N LEU A 23 9.07 3.54 -5.74
CA LEU A 23 9.49 3.78 -7.10
C LEU A 23 9.57 5.27 -7.41
N ASN A 24 9.70 6.05 -6.36
CA ASN A 24 9.83 7.49 -6.45
C ASN A 24 10.80 7.97 -5.38
N LEU A 25 10.74 7.31 -4.22
CA LEU A 25 11.63 7.61 -3.11
C LEU A 25 12.42 6.35 -2.78
N ASP A 26 12.91 5.73 -3.83
CA ASP A 26 13.69 4.51 -3.74
C ASP A 26 14.05 3.98 -5.12
N SER A 27 13.19 4.26 -6.10
CA SER A 27 13.45 3.80 -7.47
C SER A 27 14.71 4.45 -8.00
N LEU A 28 14.85 5.74 -7.71
CA LEU A 28 16.02 6.49 -8.13
C LEU A 28 17.17 6.26 -7.16
N TRP A 29 17.00 5.23 -6.35
CA TRP A 29 17.96 4.84 -5.35
C TRP A 29 18.49 3.44 -5.63
N GLU A 30 17.79 2.76 -6.54
CA GLU A 30 18.13 1.40 -6.94
C GLU A 30 19.33 1.38 -7.87
N LEU A 1 -19.38 -5.67 16.94
CA LEU A 1 -19.09 -4.62 15.93
C LEU A 1 -18.99 -5.22 14.54
N TYR A 2 -18.48 -4.43 13.59
CA TYR A 2 -18.31 -4.90 12.21
C TYR A 2 -16.87 -4.76 11.75
N PRO A 3 -16.53 -5.39 10.60
CA PRO A 3 -15.18 -5.35 10.04
C PRO A 3 -14.80 -3.95 9.61
N ASP A 4 -13.57 -3.83 9.15
CA ASP A 4 -13.09 -2.57 8.64
C ASP A 4 -13.87 -2.26 7.39
N LEU A 5 -14.46 -3.32 6.83
CA LEU A 5 -15.22 -3.25 5.61
C LEU A 5 -14.31 -2.89 4.44
N SER A 6 -13.02 -2.72 4.76
CA SER A 6 -12.03 -2.40 3.76
C SER A 6 -10.70 -3.13 4.03
N GLU A 7 -10.69 -4.07 4.98
CA GLU A 7 -9.47 -4.81 5.28
C GLU A 7 -9.20 -5.83 4.16
N ILE A 8 -9.37 -5.36 2.93
CA ILE A 8 -9.17 -6.10 1.70
C ILE A 8 -9.44 -5.09 0.63
N LYS A 9 -8.75 -4.00 0.87
CA LYS A 9 -8.82 -2.78 0.11
C LYS A 9 -7.77 -1.86 0.71
N LYS A 10 -7.74 -1.88 2.04
CA LYS A 10 -6.79 -1.17 2.85
C LYS A 10 -5.48 -1.92 2.77
N GLU A 11 -5.58 -3.23 3.00
CA GLU A 11 -4.44 -4.13 2.91
C GLU A 11 -3.97 -4.13 1.47
N TYR A 12 -4.93 -3.88 0.58
CA TYR A 12 -4.68 -3.78 -0.84
C TYR A 12 -4.10 -2.41 -1.08
N ASN A 13 -4.47 -1.54 -0.18
CA ASN A 13 -4.03 -0.20 -0.18
C ASN A 13 -2.66 -0.11 0.47
N VAL A 14 -2.27 -1.20 1.08
CA VAL A 14 -1.01 -1.26 1.75
C VAL A 14 0.02 -1.91 0.88
N LYS A 15 -0.30 -3.08 0.39
CA LYS A 15 0.57 -3.82 -0.48
C LYS A 15 0.84 -2.99 -1.73
N GLU A 16 -0.12 -2.12 -2.01
CA GLU A 16 -0.06 -1.22 -3.15
C GLU A 16 0.85 -0.04 -2.81
N LYS A 17 0.97 0.21 -1.51
CA LYS A 17 1.79 1.26 -0.99
C LYS A 17 3.12 0.70 -0.58
N ASP A 18 3.07 -0.53 -0.14
CA ASP A 18 4.28 -1.23 0.25
C ASP A 18 5.03 -1.64 -1.01
N GLN A 19 4.54 -1.13 -2.13
CA GLN A 19 5.11 -1.42 -3.42
C GLN A 19 5.32 -0.17 -4.27
N VAL A 20 4.82 0.99 -3.80
CA VAL A 20 4.98 2.23 -4.54
C VAL A 20 6.00 3.15 -3.90
N GLU A 21 5.95 3.27 -2.58
CA GLU A 21 6.91 4.13 -1.85
C GLU A 21 8.30 3.98 -2.47
N ASP A 22 8.59 2.77 -2.94
CA ASP A 22 9.86 2.47 -3.58
C ASP A 22 10.07 3.37 -4.77
N LEU A 23 9.06 3.45 -5.59
CA LEU A 23 9.11 4.25 -6.78
C LEU A 23 9.15 5.75 -6.47
N ASN A 24 9.51 6.04 -5.23
CA ASN A 24 9.65 7.40 -4.75
C ASN A 24 10.96 7.51 -3.97
N LEU A 25 11.31 6.41 -3.31
CA LEU A 25 12.54 6.30 -2.54
C LEU A 25 13.30 5.06 -2.99
N ASP A 26 13.34 4.91 -4.31
CA ASP A 26 14.00 3.79 -4.96
C ASP A 26 13.88 3.89 -6.49
N SER A 27 12.85 4.56 -6.97
CA SER A 27 12.67 4.70 -8.41
C SER A 27 13.45 5.90 -8.92
N LEU A 28 13.70 6.86 -8.04
CA LEU A 28 14.44 8.06 -8.41
C LEU A 28 15.84 8.03 -7.82
N TRP A 29 16.22 6.86 -7.35
CA TRP A 29 17.54 6.63 -6.78
C TRP A 29 18.29 5.62 -7.65
N GLU A 30 17.57 5.11 -8.64
CA GLU A 30 18.06 4.10 -9.55
C GLU A 30 18.72 4.73 -10.78
N LEU A 1 -18.32 -4.80 17.81
CA LEU A 1 -18.46 -4.17 16.47
C LEU A 1 -18.05 -5.13 15.36
N TYR A 2 -17.78 -4.59 14.17
CA TYR A 2 -17.38 -5.41 13.04
C TYR A 2 -16.06 -4.93 12.44
N PRO A 3 -15.45 -5.73 11.56
CA PRO A 3 -14.18 -5.40 10.92
C PRO A 3 -14.30 -4.19 10.02
N ASP A 4 -13.18 -3.82 9.44
CA ASP A 4 -13.16 -2.73 8.50
C ASP A 4 -13.97 -3.14 7.30
N LEU A 5 -14.13 -4.45 7.17
CA LEU A 5 -14.86 -5.05 6.09
C LEU A 5 -14.11 -4.85 4.77
N SER A 6 -12.98 -4.14 4.87
CA SER A 6 -12.14 -3.87 3.73
C SER A 6 -10.67 -3.86 4.10
N GLU A 7 -10.33 -4.33 5.30
CA GLU A 7 -8.95 -4.37 5.73
C GLU A 7 -8.22 -5.56 5.09
N ILE A 8 -8.52 -5.74 3.82
CA ILE A 8 -7.98 -6.78 2.96
C ILE A 8 -8.54 -6.43 1.60
N LYS A 9 -8.32 -5.16 1.35
CA LYS A 9 -8.79 -4.45 0.20
C LYS A 9 -8.15 -3.07 0.28
N LYS A 10 -8.19 -2.56 1.51
CA LYS A 10 -7.58 -1.30 1.88
C LYS A 10 -6.08 -1.54 1.96
N GLU A 11 -5.72 -2.57 2.72
CA GLU A 11 -4.33 -3.00 2.85
C GLU A 11 -3.84 -3.44 1.50
N TYR A 12 -4.80 -3.87 0.68
CA TYR A 12 -4.54 -4.29 -0.68
C TYR A 12 -4.49 -3.05 -1.52
N ASN A 13 -5.18 -2.05 -1.00
CA ASN A 13 -5.25 -0.77 -1.61
C ASN A 13 -4.06 0.06 -1.22
N VAL A 14 -3.36 -0.40 -0.21
CA VAL A 14 -2.21 0.30 0.29
C VAL A 14 -0.92 -0.35 -0.12
N LYS A 15 -0.94 -1.66 -0.24
CA LYS A 15 0.23 -2.42 -0.64
C LYS A 15 0.71 -1.96 -1.99
N GLU A 16 -0.24 -1.47 -2.77
CA GLU A 16 0.04 -0.98 -4.11
C GLU A 16 0.62 0.43 -4.02
N LYS A 17 0.32 1.08 -2.90
CA LYS A 17 0.79 2.41 -2.62
C LYS A 17 1.97 2.35 -1.72
N ASP A 18 2.00 1.33 -0.91
CA ASP A 18 3.11 1.12 -0.02
C ASP A 18 4.24 0.48 -0.79
N GLN A 19 4.06 0.44 -2.12
CA GLN A 19 5.03 -0.15 -2.99
C GLN A 19 5.44 0.81 -4.12
N VAL A 20 4.54 1.71 -4.51
CA VAL A 20 4.84 2.66 -5.57
C VAL A 20 5.71 3.79 -5.08
N GLU A 21 5.33 4.37 -3.94
CA GLU A 21 6.10 5.47 -3.35
C GLU A 21 7.59 5.15 -3.44
N ASP A 22 7.90 3.85 -3.35
CA ASP A 22 9.27 3.37 -3.45
C ASP A 22 9.88 3.76 -4.78
N LEU A 23 9.10 3.55 -5.82
CA LEU A 23 9.53 3.85 -7.15
C LEU A 23 9.62 5.35 -7.40
N ASN A 24 9.70 6.09 -6.31
CA ASN A 24 9.82 7.53 -6.33
C ASN A 24 10.78 7.96 -5.23
N LEU A 25 10.70 7.25 -4.10
CA LEU A 25 11.58 7.49 -2.97
C LEU A 25 12.37 6.23 -2.70
N ASP A 26 12.89 5.66 -3.77
CA ASP A 26 13.68 4.45 -3.74
C ASP A 26 14.06 4.00 -5.15
N SER A 27 13.20 4.32 -6.12
CA SER A 27 13.45 3.95 -7.51
C SER A 27 14.70 4.62 -8.00
N LEU A 28 14.85 5.89 -7.63
CA LEU A 28 16.02 6.66 -8.01
C LEU A 28 17.16 6.39 -7.04
N TRP A 29 17.00 5.31 -6.30
CA TRP A 29 17.96 4.88 -5.29
C TRP A 29 18.49 3.49 -5.64
N GLU A 30 17.80 2.84 -6.56
CA GLU A 30 18.13 1.51 -7.01
C GLU A 30 19.39 1.50 -7.86
N LEU A 1 -19.44 -2.51 14.50
CA LEU A 1 -18.91 -3.85 14.85
C LEU A 1 -18.34 -4.55 13.62
N TYR A 2 -18.14 -5.86 13.73
CA TYR A 2 -17.60 -6.66 12.61
C TYR A 2 -16.26 -6.09 12.14
N PRO A 3 -15.56 -6.75 11.19
CA PRO A 3 -14.30 -6.27 10.66
C PRO A 3 -14.44 -4.93 9.98
N ASP A 4 -13.34 -4.43 9.47
CA ASP A 4 -13.35 -3.21 8.72
C ASP A 4 -14.12 -3.45 7.45
N LEU A 5 -14.23 -4.73 7.13
CA LEU A 5 -14.91 -5.20 5.94
C LEU A 5 -14.13 -4.77 4.71
N SER A 6 -13.03 -4.06 4.94
CA SER A 6 -12.17 -3.59 3.86
C SER A 6 -10.70 -3.77 4.21
N GLU A 7 -10.40 -4.39 5.36
CA GLU A 7 -9.01 -4.62 5.75
C GLU A 7 -8.40 -5.73 4.89
N ILE A 8 -8.72 -5.67 3.61
CA ILE A 8 -8.27 -6.60 2.59
C ILE A 8 -8.78 -6.00 1.31
N LYS A 9 -8.48 -4.73 1.27
CA LYS A 9 -8.88 -3.80 0.25
C LYS A 9 -8.12 -2.52 0.54
N LYS A 10 -8.12 -2.20 1.84
CA LYS A 10 -7.40 -1.08 2.39
C LYS A 10 -5.93 -1.45 2.40
N GLU A 11 -5.66 -2.61 2.99
CA GLU A 11 -4.30 -3.16 3.03
C GLU A 11 -3.86 -3.43 1.62
N TYR A 12 -4.85 -3.63 0.76
CA TYR A 12 -4.64 -3.87 -0.65
C TYR A 12 -4.50 -2.52 -1.30
N ASN A 13 -5.09 -1.55 -0.63
CA ASN A 13 -5.06 -0.20 -1.05
C ASN A 13 -3.82 0.49 -0.53
N VAL A 14 -3.17 -0.17 0.41
CA VAL A 14 -1.99 0.38 1.01
C VAL A 14 -0.72 -0.33 0.56
N LYS A 15 -0.86 -1.61 0.29
CA LYS A 15 0.25 -2.42 -0.16
C LYS A 15 0.83 -1.87 -1.44
N GLU A 16 -0.05 -1.23 -2.19
CA GLU A 16 0.31 -0.63 -3.47
C GLU A 16 0.97 0.72 -3.24
N LYS A 17 0.66 1.30 -2.09
CA LYS A 17 1.20 2.57 -1.68
C LYS A 17 2.38 2.35 -0.79
N ASP A 18 2.32 1.26 -0.06
CA ASP A 18 3.41 0.90 0.81
C ASP A 18 4.51 0.25 -0.03
N GLN A 19 4.33 0.33 -1.34
CA GLN A 19 5.24 -0.24 -2.28
C GLN A 19 5.59 0.73 -3.42
N VAL A 20 4.67 1.63 -3.75
CA VAL A 20 4.90 2.58 -4.83
C VAL A 20 5.85 3.68 -4.41
N GLU A 21 5.63 4.22 -3.22
CA GLU A 21 6.51 5.28 -2.68
C GLU A 21 7.97 4.97 -3.02
N ASP A 22 8.28 3.67 -3.02
CA ASP A 22 9.61 3.19 -3.34
C ASP A 22 10.01 3.63 -4.73
N LEU A 23 9.09 3.45 -5.65
CA LEU A 23 9.32 3.80 -7.03
C LEU A 23 9.36 5.31 -7.24
N ASN A 24 9.59 6.02 -6.15
CA ASN A 24 9.70 7.46 -6.15
C ASN A 24 10.81 7.87 -5.19
N LEU A 25 10.91 7.13 -4.09
CA LEU A 25 11.93 7.36 -3.10
C LEU A 25 12.79 6.10 -2.99
N ASP A 26 13.12 5.57 -4.15
CA ASP A 26 13.92 4.37 -4.27
C ASP A 26 14.08 3.97 -5.73
N SER A 27 13.09 4.30 -6.56
CA SER A 27 13.13 3.97 -7.97
C SER A 27 14.30 4.68 -8.63
N LEU A 28 14.48 5.94 -8.24
CA LEU A 28 15.58 6.74 -8.78
C LEU A 28 16.86 6.45 -8.00
N TRP A 29 16.82 5.36 -7.27
CA TRP A 29 17.91 4.91 -6.44
C TRP A 29 18.40 3.55 -6.91
N GLU A 30 17.58 2.93 -7.76
CA GLU A 30 17.86 1.62 -8.31
C GLU A 30 18.93 1.68 -9.40
N LEU A 1 -16.76 -0.09 14.60
CA LEU A 1 -17.39 -1.44 14.71
C LEU A 1 -17.27 -2.21 13.40
N TYR A 2 -17.72 -3.46 13.41
CA TYR A 2 -17.66 -4.31 12.22
C TYR A 2 -16.22 -4.39 11.66
N PRO A 3 -15.96 -5.21 10.62
CA PRO A 3 -14.63 -5.32 10.04
C PRO A 3 -14.15 -3.99 9.51
N ASP A 4 -13.01 -4.01 8.86
CA ASP A 4 -12.49 -2.82 8.25
C ASP A 4 -13.34 -2.53 7.02
N LEU A 5 -14.16 -3.53 6.69
CA LEU A 5 -15.02 -3.47 5.54
C LEU A 5 -14.18 -3.34 4.29
N SER A 6 -12.86 -3.45 4.49
CA SER A 6 -11.90 -3.37 3.42
C SER A 6 -11.16 -4.69 3.27
N GLU A 7 -10.36 -5.03 4.29
CA GLU A 7 -9.55 -6.27 4.35
C GLU A 7 -9.35 -6.97 2.98
N ILE A 8 -9.35 -6.18 1.94
CA ILE A 8 -9.17 -6.58 0.54
C ILE A 8 -9.44 -5.31 -0.22
N LYS A 9 -8.67 -4.35 0.24
CA LYS A 9 -8.70 -2.98 -0.17
C LYS A 9 -7.66 -2.29 0.71
N LYS A 10 -7.69 -2.71 1.98
CA LYS A 10 -6.76 -2.30 3.00
C LYS A 10 -5.43 -2.96 2.69
N GLU A 11 -5.51 -4.28 2.54
CA GLU A 11 -4.36 -5.11 2.17
C GLU A 11 -3.89 -4.68 0.80
N TYR A 12 -4.85 -4.19 0.02
CA TYR A 12 -4.59 -3.66 -1.30
C TYR A 12 -4.02 -2.29 -1.11
N ASN A 13 -4.41 -1.72 0.01
CA ASN A 13 -3.97 -0.44 0.41
C ASN A 13 -2.61 -0.55 1.04
N VAL A 14 -2.20 -1.78 1.29
CA VAL A 14 -0.93 -2.02 1.90
C VAL A 14 0.09 -2.38 0.86
N LYS A 15 -0.25 -3.37 0.06
CA LYS A 15 0.63 -3.80 -1.00
C LYS A 15 0.86 -2.65 -1.95
N GLU A 16 -0.11 -1.74 -1.96
CA GLU A 16 -0.07 -0.54 -2.78
C GLU A 16 0.83 0.50 -2.13
N LYS A 17 0.97 0.36 -0.81
CA LYS A 17 1.79 1.22 -0.01
C LYS A 17 3.13 0.59 0.20
N ASP A 18 3.11 -0.73 0.23
CA ASP A 18 4.33 -1.48 0.37
C ASP A 18 5.03 -1.53 -0.98
N GLN A 19 4.50 -0.74 -1.90
CA GLN A 19 5.01 -0.67 -3.25
C GLN A 19 5.21 0.78 -3.72
N VAL A 20 4.43 1.70 -3.16
CA VAL A 20 4.53 3.11 -3.55
C VAL A 20 5.74 3.75 -2.91
N GLU A 21 5.93 3.51 -1.62
CA GLU A 21 7.10 4.07 -0.91
C GLU A 21 8.34 3.93 -1.78
N ASP A 22 8.38 2.86 -2.57
CA ASP A 22 9.48 2.60 -3.48
C ASP A 22 9.63 3.73 -4.45
N LEU A 23 8.50 4.19 -4.95
CA LEU A 23 8.48 5.27 -5.91
C LEU A 23 8.82 6.61 -5.26
N ASN A 24 9.47 6.52 -4.11
CA ASN A 24 9.92 7.68 -3.37
C ASN A 24 11.29 7.37 -2.76
N LEU A 25 11.46 6.11 -2.36
CA LEU A 25 12.72 5.64 -1.81
C LEU A 25 13.23 4.51 -2.68
N ASP A 26 13.16 4.73 -3.98
CA ASP A 26 13.61 3.78 -4.98
C ASP A 26 13.32 4.31 -6.39
N SER A 27 12.28 5.12 -6.52
CA SER A 27 11.91 5.68 -7.82
C SER A 27 13.04 6.56 -8.32
N LEU A 28 13.61 7.34 -7.40
CA LEU A 28 14.71 8.22 -7.74
C LEU A 28 16.02 7.45 -7.70
N TRP A 29 15.88 6.14 -7.72
CA TRP A 29 17.00 5.22 -7.67
C TRP A 29 17.02 4.35 -8.94
N GLU A 30 15.91 4.39 -9.65
CA GLU A 30 15.73 3.62 -10.87
C GLU A 30 16.61 4.16 -12.00
N LEU A 1 -17.57 -2.83 17.72
CA LEU A 1 -17.23 -2.06 16.49
C LEU A 1 -17.35 -2.93 15.24
N TYR A 2 -16.92 -2.39 14.11
CA TYR A 2 -16.98 -3.13 12.84
C TYR A 2 -15.60 -3.23 12.20
N PRO A 3 -15.46 -4.11 11.20
CA PRO A 3 -14.20 -4.30 10.48
C PRO A 3 -13.79 -3.05 9.72
N ASP A 4 -12.69 -3.15 9.01
CA ASP A 4 -12.25 -2.06 8.19
C ASP A 4 -13.19 -1.96 7.01
N LEU A 5 -14.03 -2.99 6.88
CA LEU A 5 -14.98 -3.10 5.81
C LEU A 5 -14.22 -3.18 4.49
N SER A 6 -12.90 -3.26 4.60
CA SER A 6 -12.02 -3.35 3.45
C SER A 6 -11.28 -4.69 3.48
N GLU A 7 -10.39 -4.84 4.47
CA GLU A 7 -9.56 -6.05 4.68
C GLU A 7 -9.43 -6.97 3.45
N ILE A 8 -9.55 -6.38 2.27
CA ILE A 8 -9.44 -7.04 0.96
C ILE A 8 -9.79 -5.93 0.01
N LYS A 9 -9.04 -4.89 0.24
CA LYS A 9 -9.13 -3.61 -0.41
C LYS A 9 -8.06 -2.77 0.26
N LYS A 10 -7.99 -2.94 1.58
CA LYS A 10 -7.02 -2.35 2.45
C LYS A 10 -5.68 -3.03 2.17
N GLU A 11 -5.73 -4.36 2.27
CA GLU A 11 -4.58 -5.21 1.99
C GLU A 11 -4.20 -5.04 0.54
N TYR A 12 -5.22 -4.66 -0.24
CA TYR A 12 -5.05 -4.40 -1.65
C TYR A 12 -4.55 -2.99 -1.77
N ASN A 13 -4.90 -2.22 -0.76
CA ASN A 13 -4.50 -0.86 -0.65
C ASN A 13 -3.12 -0.78 -0.08
N VAL A 14 -2.65 -1.91 0.40
CA VAL A 14 -1.35 -1.98 0.99
C VAL A 14 -0.33 -2.47 0.00
N LYS A 15 -0.80 -3.21 -0.98
CA LYS A 15 0.06 -3.73 -2.01
C LYS A 15 0.59 -2.59 -2.86
N GLU A 16 -0.24 -1.57 -2.95
CA GLU A 16 0.07 -0.36 -3.70
C GLU A 16 0.98 0.54 -2.89
N LYS A 17 0.94 0.34 -1.59
CA LYS A 17 1.75 1.08 -0.65
C LYS A 17 2.98 0.30 -0.34
N ASP A 18 2.84 -1.01 -0.38
CA ASP A 18 3.97 -1.88 -0.16
C ASP A 18 4.80 -1.94 -1.42
N GLN A 19 4.43 -1.08 -2.36
CA GLN A 19 5.08 -1.02 -3.64
C GLN A 19 5.37 0.43 -4.06
N VAL A 20 4.55 1.38 -3.60
CA VAL A 20 4.73 2.77 -3.95
C VAL A 20 5.91 3.40 -3.22
N GLU A 21 5.99 3.15 -1.91
CA GLU A 21 7.08 3.68 -1.10
C GLU A 21 8.39 3.64 -1.89
N ASP A 22 8.52 2.61 -2.72
CA ASP A 22 9.69 2.43 -3.57
C ASP A 22 9.85 3.57 -4.52
N LEU A 23 8.77 3.88 -5.21
CA LEU A 23 8.77 4.95 -6.19
C LEU A 23 8.87 6.33 -5.54
N ASN A 24 9.32 6.34 -4.31
CA ASN A 24 9.53 7.56 -3.56
C ASN A 24 10.82 7.44 -2.75
N LEU A 25 11.09 6.22 -2.29
CA LEU A 25 12.30 5.93 -1.54
C LEU A 25 13.07 4.83 -2.27
N ASP A 26 13.15 5.01 -3.58
CA ASP A 26 13.83 4.09 -4.47
C ASP A 26 13.71 4.54 -5.92
N SER A 27 12.62 5.22 -6.25
CA SER A 27 12.41 5.70 -7.60
C SER A 27 13.47 6.71 -7.97
N LEU A 28 13.77 7.56 -7.01
CA LEU A 28 14.79 8.59 -7.21
C LEU A 28 16.17 8.00 -6.93
N TRP A 29 16.21 6.68 -6.91
CA TRP A 29 17.41 5.92 -6.66
C TRP A 29 17.74 5.04 -7.86
N GLU A 30 16.78 4.91 -8.75
CA GLU A 30 16.89 4.10 -9.94
C GLU A 30 17.84 4.74 -10.95
N LEU A 1 -19.59 -5.31 17.27
CA LEU A 1 -19.26 -4.43 16.13
C LEU A 1 -18.87 -5.25 14.90
N TYR A 2 -18.45 -4.55 13.83
CA TYR A 2 -18.04 -5.24 12.60
C TYR A 2 -16.65 -4.81 12.17
N PRO A 3 -16.03 -5.56 11.24
CA PRO A 3 -14.70 -5.27 10.72
C PRO A 3 -14.65 -3.94 9.99
N ASP A 4 -13.47 -3.61 9.51
CA ASP A 4 -13.30 -2.41 8.73
C ASP A 4 -14.10 -2.57 7.46
N LEU A 5 -14.39 -3.83 7.16
CA LEU A 5 -15.13 -4.20 5.98
C LEU A 5 -14.29 -3.94 4.74
N SER A 6 -13.09 -3.41 4.96
CA SER A 6 -12.17 -3.12 3.88
C SER A 6 -10.73 -3.48 4.26
N GLU A 7 -10.53 -4.11 5.42
CA GLU A 7 -9.19 -4.50 5.84
C GLU A 7 -8.72 -5.71 5.02
N ILE A 8 -9.00 -5.63 3.73
CA ILE A 8 -8.66 -6.63 2.72
C ILE A 8 -9.11 -6.00 1.44
N LYS A 9 -8.63 -4.78 1.35
CA LYS A 9 -8.92 -3.84 0.30
C LYS A 9 -8.03 -2.65 0.57
N LYS A 10 -8.00 -2.30 1.86
CA LYS A 10 -7.17 -1.26 2.41
C LYS A 10 -5.75 -1.78 2.43
N GLU A 11 -5.62 -2.96 3.04
CA GLU A 11 -4.34 -3.66 3.11
C GLU A 11 -3.90 -3.99 1.70
N TYR A 12 -4.90 -4.11 0.84
CA TYR A 12 -4.70 -4.37 -0.56
C TYR A 12 -4.40 -3.05 -1.22
N ASN A 13 -4.93 -2.03 -0.58
CA ASN A 13 -4.75 -0.69 -1.01
C ASN A 13 -3.41 -0.19 -0.52
N VAL A 14 -2.82 -0.96 0.35
CA VAL A 14 -1.55 -0.61 0.92
C VAL A 14 -0.42 -1.27 0.17
N LYS A 15 -0.71 -2.41 -0.42
CA LYS A 15 0.26 -3.14 -1.18
C LYS A 15 0.68 -2.34 -2.39
N GLU A 16 -0.27 -1.56 -2.86
CA GLU A 16 -0.08 -0.70 -4.03
C GLU A 16 0.69 0.55 -3.63
N LYS A 17 0.62 0.85 -2.34
CA LYS A 17 1.30 1.99 -1.76
C LYS A 17 2.58 1.54 -1.14
N ASP A 18 2.57 0.31 -0.67
CA ASP A 18 3.76 -0.26 -0.09
C ASP A 18 4.69 -0.70 -1.21
N GLN A 19 4.32 -0.33 -2.42
CA GLN A 19 5.06 -0.68 -3.59
C GLN A 19 5.42 0.54 -4.45
N VAL A 20 4.62 1.60 -4.36
CA VAL A 20 4.87 2.81 -5.14
C VAL A 20 5.90 3.71 -4.47
N GLU A 21 5.73 3.95 -3.18
CA GLU A 21 6.68 4.78 -2.42
C GLU A 21 8.10 4.48 -2.87
N ASP A 22 8.33 3.21 -3.20
CA ASP A 22 9.63 2.76 -3.68
C ASP A 22 10.04 3.53 -4.91
N LEU A 23 9.12 3.61 -5.84
CA LEU A 23 9.37 4.30 -7.08
C LEU A 23 9.47 5.81 -6.90
N ASN A 24 9.71 6.21 -5.66
CA ASN A 24 9.89 7.60 -5.30
C ASN A 24 11.07 7.70 -4.35
N LEU A 25 11.22 6.66 -3.51
CA LEU A 25 12.31 6.58 -2.56
C LEU A 25 13.02 5.25 -2.77
N ASP A 26 13.26 4.96 -4.04
CA ASP A 26 13.92 3.73 -4.46
C ASP A 26 14.03 3.64 -5.98
N SER A 27 13.13 4.32 -6.68
CA SER A 27 13.17 4.30 -8.14
C SER A 27 14.14 5.35 -8.65
N LEU A 28 14.33 6.40 -7.87
CA LEU A 28 15.24 7.47 -8.25
C LEU A 28 16.53 7.40 -7.44
N TRP A 29 16.73 6.27 -6.81
CA TRP A 29 17.92 6.00 -6.01
C TRP A 29 18.70 4.84 -6.64
N GLU A 30 18.07 4.27 -7.66
CA GLU A 30 18.58 3.13 -8.38
C GLU A 30 19.58 3.55 -9.46
N LEU A 1 -19.76 -5.08 16.94
CA LEU A 1 -19.60 -4.24 15.73
C LEU A 1 -19.25 -5.10 14.51
N TYR A 2 -18.76 -4.45 13.47
CA TYR A 2 -18.39 -5.16 12.24
C TYR A 2 -16.95 -4.83 11.83
N PRO A 3 -16.38 -5.61 10.88
CA PRO A 3 -15.03 -5.41 10.39
C PRO A 3 -14.87 -4.09 9.68
N ASP A 4 -13.67 -3.84 9.21
CA ASP A 4 -13.39 -2.66 8.45
C ASP A 4 -14.14 -2.77 7.14
N LEU A 5 -14.51 -4.01 6.84
CA LEU A 5 -15.21 -4.34 5.62
C LEU A 5 -14.31 -4.06 4.42
N SER A 6 -13.10 -3.59 4.70
CA SER A 6 -12.13 -3.29 3.67
C SER A 6 -10.72 -3.69 4.09
N GLU A 7 -10.57 -4.38 5.22
CA GLU A 7 -9.25 -4.80 5.69
C GLU A 7 -8.74 -5.96 4.82
N ILE A 8 -8.96 -5.80 3.52
CA ILE A 8 -8.56 -6.74 2.48
C ILE A 8 -8.96 -6.04 1.21
N LYS A 9 -8.48 -4.83 1.21
CA LYS A 9 -8.73 -3.82 0.21
C LYS A 9 -7.87 -2.64 0.59
N LYS A 10 -7.90 -2.37 1.90
CA LYS A 10 -7.10 -1.35 2.55
C LYS A 10 -5.68 -1.87 2.61
N GLU A 11 -5.56 -3.08 3.15
CA GLU A 11 -4.28 -3.77 3.25
C GLU A 11 -3.78 -4.02 1.85
N TYR A 12 -4.74 -4.10 0.93
CA TYR A 12 -4.46 -4.28 -0.48
C TYR A 12 -4.14 -2.92 -1.04
N ASN A 13 -4.70 -1.94 -0.36
CA ASN A 13 -4.51 -0.58 -0.70
C ASN A 13 -3.21 -0.10 -0.11
N VAL A 14 -2.66 -0.92 0.75
CA VAL A 14 -1.42 -0.59 1.40
C VAL A 14 -0.26 -1.18 0.65
N LYS A 15 -0.53 -2.24 -0.08
CA LYS A 15 0.49 -2.90 -0.85
C LYS A 15 0.91 -1.99 -1.98
N GLU A 16 -0.05 -1.20 -2.42
CA GLU A 16 0.14 -0.24 -3.49
C GLU A 16 0.93 0.96 -2.98
N LYS A 17 0.84 1.16 -1.68
CA LYS A 17 1.52 2.22 -0.99
C LYS A 17 2.80 1.70 -0.42
N ASP A 18 2.77 0.44 -0.07
CA ASP A 18 3.96 -0.21 0.46
C ASP A 18 4.86 -0.59 -0.70
N GLN A 19 4.47 -0.12 -1.88
CA GLN A 19 5.20 -0.41 -3.09
C GLN A 19 5.47 0.87 -3.90
N VAL A 20 4.61 1.86 -3.76
CA VAL A 20 4.79 3.12 -4.49
C VAL A 20 5.92 3.93 -3.91
N GLU A 21 5.90 4.11 -2.59
CA GLU A 21 6.95 4.87 -1.90
C GLU A 21 8.31 4.54 -2.51
N ASP A 22 8.45 3.29 -2.93
CA ASP A 22 9.67 2.80 -3.55
C ASP A 22 9.97 3.60 -4.80
N LEU A 23 8.97 3.73 -5.62
CA LEU A 23 9.11 4.44 -6.87
C LEU A 23 9.32 5.93 -6.66
N ASN A 24 9.72 6.28 -5.45
CA ASN A 24 10.03 7.64 -5.08
C ASN A 24 11.32 7.66 -4.29
N LEU A 25 11.53 6.60 -3.52
CA LEU A 25 12.74 6.43 -2.72
C LEU A 25 13.34 5.07 -3.04
N ASP A 26 13.38 4.79 -4.33
CA ASP A 26 13.91 3.55 -4.86
C ASP A 26 13.82 3.51 -6.39
N SER A 27 12.88 4.25 -6.96
CA SER A 27 12.74 4.28 -8.40
C SER A 27 13.73 5.28 -8.99
N LEU A 28 14.05 6.31 -8.21
CA LEU A 28 14.97 7.33 -8.67
C LEU A 28 16.34 7.15 -8.03
N TRP A 29 16.55 5.99 -7.47
CA TRP A 29 17.80 5.62 -6.84
C TRP A 29 18.43 4.48 -7.64
N GLU A 30 17.64 3.99 -8.59
CA GLU A 30 17.99 2.88 -9.45
C GLU A 30 18.92 3.32 -10.57
N LEU A 1 -17.65 -1.20 14.93
CA LEU A 1 -18.25 -2.56 15.04
C LEU A 1 -17.78 -3.47 13.91
N TYR A 2 -17.73 -4.76 14.17
CA TYR A 2 -17.29 -5.75 13.15
C TYR A 2 -15.92 -5.36 12.58
N PRO A 3 -15.32 -6.21 11.71
CA PRO A 3 -14.02 -5.90 11.10
C PRO A 3 -14.07 -4.62 10.31
N ASP A 4 -12.94 -4.29 9.71
CA ASP A 4 -12.86 -3.13 8.87
C ASP A 4 -13.74 -3.39 7.66
N LEU A 5 -13.98 -4.68 7.44
CA LEU A 5 -14.76 -5.15 6.33
C LEU A 5 -14.05 -4.84 5.02
N SER A 6 -12.87 -4.23 5.15
CA SER A 6 -12.05 -3.88 4.00
C SER A 6 -10.57 -4.11 4.27
N GLU A 7 -10.23 -4.75 5.40
CA GLU A 7 -8.84 -5.01 5.73
C GLU A 7 -8.30 -6.14 4.83
N ILE A 8 -8.66 -6.05 3.57
CA ILE A 8 -8.28 -6.98 2.51
C ILE A 8 -8.89 -6.37 1.27
N LYS A 9 -8.56 -5.10 1.19
CA LYS A 9 -9.01 -4.17 0.20
C LYS A 9 -8.25 -2.89 0.46
N LYS A 10 -8.18 -2.59 1.76
CA LYS A 10 -7.45 -1.46 2.29
C LYS A 10 -5.97 -1.82 2.21
N GLU A 11 -5.66 -2.99 2.76
CA GLU A 11 -4.31 -3.55 2.73
C GLU A 11 -3.93 -3.78 1.28
N TYR A 12 -4.97 -3.99 0.48
CA TYR A 12 -4.83 -4.19 -0.95
C TYR A 12 -4.74 -2.83 -1.58
N ASN A 13 -5.29 -1.88 -0.85
CA ASN A 13 -5.30 -0.51 -1.23
C ASN A 13 -4.02 0.16 -0.79
N VAL A 14 -3.30 -0.53 0.08
CA VAL A 14 -2.07 0.00 0.61
C VAL A 14 -0.86 -0.63 -0.06
N LYS A 15 -0.99 -1.89 -0.40
CA LYS A 15 0.07 -2.61 -1.05
C LYS A 15 0.45 -1.94 -2.36
N GLU A 16 -0.54 -1.27 -2.92
CA GLU A 16 -0.39 -0.54 -4.16
C GLU A 16 0.33 0.79 -3.89
N LYS A 17 0.19 1.24 -2.65
CA LYS A 17 0.80 2.46 -2.17
C LYS A 17 2.07 2.16 -1.45
N ASP A 18 2.08 1.01 -0.83
CA ASP A 18 3.25 0.55 -0.12
C ASP A 18 4.25 0.02 -1.12
N GLN A 19 3.94 0.24 -2.39
CA GLN A 19 4.77 -0.22 -3.47
C GLN A 19 5.19 0.91 -4.41
N VAL A 20 4.35 1.94 -4.52
CA VAL A 20 4.65 3.07 -5.39
C VAL A 20 5.64 4.03 -4.74
N GLU A 21 5.37 4.37 -3.49
CA GLU A 21 6.27 5.28 -2.75
C GLU A 21 7.72 4.87 -3.01
N ASP A 22 7.92 3.56 -3.21
CA ASP A 22 9.24 3.01 -3.49
C ASP A 22 9.80 3.62 -4.75
N LEU A 23 8.97 3.65 -5.77
CA LEU A 23 9.37 4.19 -7.04
C LEU A 23 9.54 5.70 -7.00
N ASN A 24 9.71 6.21 -5.80
CA ASN A 24 9.95 7.62 -5.57
C ASN A 24 11.05 7.77 -4.52
N LEU A 25 11.08 6.82 -3.58
CA LEU A 25 12.08 6.79 -2.54
C LEU A 25 12.72 5.41 -2.53
N ASP A 26 13.04 4.95 -3.74
CA ASP A 26 13.65 3.66 -3.96
C ASP A 26 13.88 3.40 -5.45
N SER A 27 13.09 4.04 -6.29
CA SER A 27 13.25 3.86 -7.73
C SER A 27 14.35 4.78 -8.24
N LEU A 28 14.52 5.91 -7.56
CA LEU A 28 15.54 6.88 -7.95
C LEU A 28 16.73 6.81 -7.03
N TRP A 29 16.80 5.73 -6.28
CA TRP A 29 17.90 5.48 -5.36
C TRP A 29 18.67 4.25 -5.84
N GLU A 30 18.08 3.62 -6.85
CA GLU A 30 18.59 2.40 -7.46
C GLU A 30 19.74 2.70 -8.42
N LEU A 1 -16.92 -0.79 16.97
CA LEU A 1 -15.85 -1.81 17.14
C LEU A 1 -15.96 -2.90 16.07
N TYR A 2 -15.64 -2.53 14.84
CA TYR A 2 -15.70 -3.48 13.72
C TYR A 2 -14.44 -3.40 12.87
N PRO A 3 -14.25 -4.38 11.97
CA PRO A 3 -13.09 -4.43 11.08
C PRO A 3 -13.09 -3.28 10.10
N ASP A 4 -12.07 -3.25 9.26
CA ASP A 4 -12.00 -2.24 8.24
C ASP A 4 -13.06 -2.56 7.20
N LEU A 5 -13.62 -3.77 7.34
CA LEU A 5 -14.62 -4.27 6.44
C LEU A 5 -14.02 -4.41 5.04
N SER A 6 -12.72 -4.15 4.98
CA SER A 6 -11.97 -4.25 3.75
C SER A 6 -10.94 -5.37 3.84
N GLU A 7 -9.95 -5.19 4.74
CA GLU A 7 -8.87 -6.15 4.99
C GLU A 7 -8.67 -7.19 3.86
N ILE A 8 -8.92 -6.75 2.64
CA ILE A 8 -8.81 -7.53 1.41
C ILE A 8 -9.51 -6.66 0.39
N LYS A 9 -8.97 -5.46 0.40
CA LYS A 9 -9.42 -4.33 -0.37
C LYS A 9 -8.51 -3.19 0.07
N LYS A 10 -8.31 -3.17 1.39
CA LYS A 10 -7.42 -2.28 2.08
C LYS A 10 -6.01 -2.70 1.74
N GLU A 11 -5.73 -3.97 1.99
CA GLU A 11 -4.44 -4.58 1.68
C GLU A 11 -4.23 -4.52 0.18
N TYR A 12 -5.37 -4.48 -0.51
CA TYR A 12 -5.39 -4.37 -1.96
C TYR A 12 -5.23 -2.92 -2.29
N ASN A 13 -5.64 -2.11 -1.34
CA ASN A 13 -5.58 -0.69 -1.44
C ASN A 13 -4.24 -0.20 -0.98
N VAL A 14 -3.51 -1.08 -0.32
CA VAL A 14 -2.22 -0.72 0.19
C VAL A 14 -1.09 -1.34 -0.59
N LYS A 15 -1.34 -2.52 -1.13
CA LYS A 15 -0.36 -3.23 -1.92
C LYS A 15 0.04 -2.41 -3.12
N GLU A 16 -0.89 -1.57 -3.55
CA GLU A 16 -0.69 -0.69 -4.69
C GLU A 16 0.09 0.55 -4.25
N LYS A 17 0.02 0.82 -2.96
CA LYS A 17 0.69 1.94 -2.35
C LYS A 17 1.95 1.47 -1.70
N ASP A 18 1.92 0.26 -1.23
CA ASP A 18 3.09 -0.34 -0.61
C ASP A 18 4.04 -0.78 -1.70
N GLN A 19 3.72 -0.36 -2.92
CA GLN A 19 4.51 -0.71 -4.08
C GLN A 19 4.93 0.53 -4.87
N VAL A 20 4.27 1.66 -4.64
CA VAL A 20 4.60 2.90 -5.35
C VAL A 20 5.53 3.78 -4.54
N GLU A 21 5.20 3.99 -3.28
CA GLU A 21 6.04 4.82 -2.40
C GLU A 21 7.51 4.52 -2.66
N ASP A 22 7.77 3.25 -2.99
CA ASP A 22 9.12 2.78 -3.29
C ASP A 22 9.69 3.54 -4.46
N LEU A 23 8.92 3.59 -5.52
CA LEU A 23 9.33 4.26 -6.72
C LEU A 23 9.38 5.77 -6.56
N ASN A 24 9.43 6.20 -5.31
CA ASN A 24 9.54 7.60 -4.96
C ASN A 24 10.55 7.75 -3.84
N LEU A 25 10.59 6.75 -2.97
CA LEU A 25 11.53 6.70 -1.86
C LEU A 25 12.28 5.38 -1.92
N ASP A 26 12.73 5.06 -3.13
CA ASP A 26 13.46 3.83 -3.40
C ASP A 26 13.80 3.72 -4.89
N SER A 27 13.00 4.35 -5.74
CA SER A 27 13.26 4.29 -7.17
C SER A 27 14.32 5.32 -7.54
N LEU A 28 14.35 6.41 -6.78
CA LEU A 28 15.31 7.48 -7.05
C LEU A 28 16.46 7.44 -6.05
N TRP A 29 16.57 6.32 -5.37
CA TRP A 29 17.63 6.09 -4.40
C TRP A 29 18.50 4.94 -4.88
N GLU A 30 18.03 4.33 -5.97
CA GLU A 30 18.65 3.18 -6.60
C GLU A 30 19.85 3.59 -7.45
N LEU A 1 -19.27 -3.80 16.41
CA LEU A 1 -18.32 -4.90 16.72
C LEU A 1 -18.00 -5.73 15.49
N TYR A 2 -17.65 -5.04 14.40
CA TYR A 2 -17.32 -5.74 13.15
C TYR A 2 -16.02 -5.22 12.56
N PRO A 3 -15.46 -5.91 11.56
CA PRO A 3 -14.22 -5.54 10.91
C PRO A 3 -14.35 -4.24 10.15
N ASP A 4 -13.24 -3.80 9.57
CA ASP A 4 -13.23 -2.62 8.76
C ASP A 4 -14.08 -2.90 7.54
N LEU A 5 -14.26 -4.19 7.28
CA LEU A 5 -15.02 -4.67 6.16
C LEU A 5 -14.27 -4.36 4.86
N SER A 6 -13.13 -3.69 5.01
CA SER A 6 -12.30 -3.34 3.89
C SER A 6 -10.81 -3.55 4.19
N GLU A 7 -10.50 -4.15 5.35
CA GLU A 7 -9.11 -4.41 5.71
C GLU A 7 -8.57 -5.59 4.88
N ILE A 8 -8.93 -5.56 3.60
CA ILE A 8 -8.55 -6.55 2.60
C ILE A 8 -9.10 -5.99 1.32
N LYS A 9 -8.74 -4.73 1.21
CA LYS A 9 -9.16 -3.85 0.16
C LYS A 9 -8.36 -2.57 0.36
N LYS A 10 -8.29 -2.19 1.64
CA LYS A 10 -7.53 -1.08 2.13
C LYS A 10 -6.07 -1.49 2.11
N GLU A 11 -5.81 -2.64 2.73
CA GLU A 11 -4.47 -3.24 2.76
C GLU A 11 -4.08 -3.58 1.34
N TYR A 12 -5.11 -3.79 0.52
CA TYR A 12 -4.95 -4.07 -0.89
C TYR A 12 -4.78 -2.76 -1.59
N ASN A 13 -5.32 -1.75 -0.93
CA ASN A 13 -5.27 -0.41 -1.40
C ASN A 13 -3.97 0.24 -0.96
N VAL A 14 -3.30 -0.42 -0.03
CA VAL A 14 -2.07 0.10 0.48
C VAL A 14 -0.86 -0.66 -0.04
N LYS A 15 -1.05 -1.95 -0.27
CA LYS A 15 0.00 -2.80 -0.77
C LYS A 15 0.53 -2.29 -2.09
N GLU A 16 -0.36 -1.61 -2.79
CA GLU A 16 -0.04 -1.02 -4.08
C GLU A 16 0.67 0.30 -3.89
N LYS A 17 0.46 0.89 -2.72
CA LYS A 17 1.07 2.13 -2.35
C LYS A 17 2.27 1.88 -1.48
N ASP A 18 2.19 0.81 -0.74
CA ASP A 18 3.29 0.41 0.11
C ASP A 18 4.35 -0.26 -0.74
N GLN A 19 4.15 -0.16 -2.06
CA GLN A 19 5.05 -0.76 -3.01
C GLN A 19 5.51 0.24 -4.08
N VAL A 20 4.71 1.29 -4.33
CA VAL A 20 5.07 2.29 -5.33
C VAL A 20 5.96 3.37 -4.77
N GLU A 21 5.59 3.92 -3.62
CA GLU A 21 6.39 4.98 -2.99
C GLU A 21 7.87 4.68 -3.17
N ASP A 22 8.21 3.41 -3.14
CA ASP A 22 9.59 2.95 -3.33
C ASP A 22 10.11 3.40 -4.66
N LEU A 23 9.37 3.09 -5.69
CA LEU A 23 9.76 3.44 -7.03
C LEU A 23 9.71 4.93 -7.27
N ASN A 24 9.71 5.68 -6.19
CA ASN A 24 9.73 7.12 -6.24
C ASN A 24 10.78 7.63 -5.23
N LEU A 25 10.92 6.89 -4.14
CA LEU A 25 11.89 7.21 -3.11
C LEU A 25 12.75 5.97 -2.86
N ASP A 26 13.12 5.34 -3.95
CA ASP A 26 13.93 4.14 -3.94
C ASP A 26 14.25 3.67 -5.37
N SER A 27 13.39 4.01 -6.32
CA SER A 27 13.63 3.60 -7.70
C SER A 27 14.55 4.59 -8.37
N LEU A 28 14.55 5.83 -7.90
CA LEU A 28 15.40 6.86 -8.47
C LEU A 28 16.56 7.18 -7.55
N TRP A 29 16.78 6.30 -6.60
CA TRP A 29 17.86 6.42 -5.65
C TRP A 29 18.83 5.26 -5.87
N GLU A 30 18.41 4.36 -6.75
CA GLU A 30 19.12 3.15 -7.10
C GLU A 30 20.21 3.43 -8.13
N LEU A 1 -18.81 -3.00 16.44
CA LEU A 1 -17.93 -4.10 16.93
C LEU A 1 -17.60 -5.08 15.81
N TYR A 2 -17.20 -4.55 14.67
CA TYR A 2 -16.86 -5.39 13.52
C TYR A 2 -15.55 -4.92 12.86
N PRO A 3 -14.99 -5.73 11.94
CA PRO A 3 -13.76 -5.40 11.24
C PRO A 3 -13.91 -4.18 10.36
N ASP A 4 -12.82 -3.82 9.73
CA ASP A 4 -12.82 -2.72 8.80
C ASP A 4 -13.71 -3.10 7.64
N LEU A 5 -13.89 -4.41 7.51
CA LEU A 5 -14.68 -5.00 6.45
C LEU A 5 -14.00 -4.78 5.11
N SER A 6 -12.87 -4.08 5.14
CA SER A 6 -12.10 -3.79 3.94
C SER A 6 -10.60 -3.83 4.23
N GLU A 7 -10.20 -4.33 5.41
CA GLU A 7 -8.79 -4.41 5.74
C GLU A 7 -8.15 -5.61 5.03
N ILE A 8 -8.53 -5.74 3.77
CA ILE A 8 -8.08 -6.76 2.85
C ILE A 8 -8.71 -6.37 1.55
N LYS A 9 -8.48 -5.11 1.30
CA LYS A 9 -9.01 -4.36 0.20
C LYS A 9 -8.33 -3.01 0.27
N LYS A 10 -8.28 -2.51 1.51
CA LYS A 10 -7.62 -1.28 1.87
C LYS A 10 -6.13 -1.55 1.84
N GLU A 11 -5.74 -2.61 2.55
CA GLU A 11 -4.35 -3.07 2.58
C GLU A 11 -3.95 -3.49 1.18
N TYR A 12 -4.98 -3.88 0.43
CA TYR A 12 -4.82 -4.27 -0.95
C TYR A 12 -4.81 -3.01 -1.77
N ASN A 13 -5.43 -2.01 -1.19
CA ASN A 13 -5.52 -0.71 -1.77
C ASN A 13 -4.29 0.09 -1.44
N VAL A 14 -3.53 -0.42 -0.49
CA VAL A 14 -2.33 0.24 -0.06
C VAL A 14 -1.08 -0.45 -0.55
N LYS A 15 -1.15 -1.76 -0.69
CA LYS A 15 -0.03 -2.55 -1.15
C LYS A 15 0.42 -2.06 -2.52
N GLU A 16 -0.54 -1.52 -3.25
CA GLU A 16 -0.30 -1.00 -4.58
C GLU A 16 0.33 0.38 -4.47
N LYS A 17 0.10 1.01 -3.33
CA LYS A 17 0.63 2.32 -3.03
C LYS A 17 1.84 2.20 -2.17
N ASP A 18 1.85 1.17 -1.37
CA ASP A 18 2.97 0.89 -0.51
C ASP A 18 4.07 0.24 -1.32
N GLN A 19 3.86 0.24 -2.63
CA GLN A 19 4.79 -0.36 -3.56
C GLN A 19 5.27 0.64 -4.61
N VAL A 20 4.45 1.64 -4.91
CA VAL A 20 4.81 2.64 -5.91
C VAL A 20 5.69 3.73 -5.30
N GLU A 21 5.27 4.25 -4.15
CA GLU A 21 6.05 5.28 -3.47
C GLU A 21 7.53 4.91 -3.49
N ASP A 22 7.78 3.60 -3.45
CA ASP A 22 9.12 3.06 -3.50
C ASP A 22 9.82 3.50 -4.76
N LEU A 23 9.15 3.28 -5.86
CA LEU A 23 9.70 3.63 -7.15
C LEU A 23 9.79 5.14 -7.36
N ASN A 24 9.70 5.85 -6.26
CA ASN A 24 9.84 7.29 -6.26
C ASN A 24 10.77 7.70 -5.11
N LEU A 25 10.71 6.92 -4.02
CA LEU A 25 11.55 7.13 -2.87
C LEU A 25 12.27 5.82 -2.54
N ASP A 26 12.80 5.22 -3.60
CA ASP A 26 13.51 3.96 -3.52
C ASP A 26 13.97 3.48 -4.90
N SER A 27 13.26 3.90 -5.94
CA SER A 27 13.64 3.51 -7.29
C SER A 27 14.75 4.41 -7.80
N LEU A 28 14.74 5.66 -7.32
CA LEU A 28 15.74 6.62 -7.74
C LEU A 28 16.81 6.81 -6.67
N TRP A 29 16.84 5.88 -5.74
CA TRP A 29 17.81 5.88 -4.66
C TRP A 29 18.69 4.64 -4.79
N GLU A 30 18.30 3.81 -5.75
CA GLU A 30 18.93 2.54 -6.04
C GLU A 30 20.20 2.74 -6.86
N LEU A 1 -16.10 0.14 15.18
CA LEU A 1 -16.60 -1.21 15.51
C LEU A 1 -16.36 -2.20 14.37
N TYR A 2 -16.41 -3.49 14.67
CA TYR A 2 -16.21 -4.53 13.66
C TYR A 2 -14.88 -4.33 12.92
N PRO A 3 -14.47 -5.25 12.02
CA PRO A 3 -13.23 -5.12 11.27
C PRO A 3 -13.25 -3.87 10.42
N ASP A 4 -12.22 -3.73 9.60
CA ASP A 4 -12.16 -2.62 8.69
C ASP A 4 -13.16 -2.89 7.59
N LEU A 5 -13.69 -4.13 7.61
CA LEU A 5 -14.63 -4.59 6.63
C LEU A 5 -13.98 -4.57 5.26
N SER A 6 -12.68 -4.27 5.26
CA SER A 6 -11.88 -4.23 4.07
C SER A 6 -10.79 -5.29 4.14
N GLU A 7 -9.81 -5.06 5.04
CA GLU A 7 -8.66 -5.96 5.27
C GLU A 7 -8.41 -7.00 4.15
N ILE A 8 -8.77 -6.62 2.94
CA ILE A 8 -8.63 -7.41 1.71
C ILE A 8 -9.35 -6.57 0.68
N LYS A 9 -8.86 -5.36 0.69
CA LYS A 9 -9.34 -4.24 -0.08
C LYS A 9 -8.46 -3.08 0.34
N LYS A 10 -8.23 -3.04 1.66
CA LYS A 10 -7.35 -2.10 2.32
C LYS A 10 -5.93 -2.49 1.95
N GLU A 11 -5.62 -3.77 2.22
CA GLU A 11 -4.34 -4.35 1.89
C GLU A 11 -4.15 -4.31 0.39
N TYR A 12 -5.29 -4.30 -0.28
CA TYR A 12 -5.34 -4.22 -1.72
C TYR A 12 -5.23 -2.76 -2.09
N ASN A 13 -5.64 -1.96 -1.13
CA ASN A 13 -5.60 -0.54 -1.25
C ASN A 13 -4.24 -0.02 -0.84
N VAL A 14 -3.49 -0.88 -0.19
CA VAL A 14 -2.18 -0.51 0.29
C VAL A 14 -1.07 -1.13 -0.55
N LYS A 15 -1.33 -2.31 -1.07
CA LYS A 15 -0.37 -3.02 -1.88
C LYS A 15 0.00 -2.21 -3.10
N GLU A 16 -0.94 -1.37 -3.50
CA GLU A 16 -0.76 -0.50 -4.65
C GLU A 16 0.03 0.74 -4.24
N LYS A 17 -0.02 1.02 -2.94
CA LYS A 17 0.67 2.13 -2.35
C LYS A 17 1.94 1.68 -1.72
N ASP A 18 1.91 0.46 -1.25
CA ASP A 18 3.10 -0.14 -0.65
C ASP A 18 4.03 -0.58 -1.76
N GLN A 19 3.68 -0.19 -2.97
CA GLN A 19 4.45 -0.54 -4.13
C GLN A 19 4.89 0.68 -4.94
N VAL A 20 4.23 1.82 -4.72
CA VAL A 20 4.58 3.04 -5.44
C VAL A 20 5.54 3.91 -4.64
N GLU A 21 5.21 4.14 -3.38
CA GLU A 21 6.09 4.95 -2.51
C GLU A 21 7.54 4.60 -2.77
N ASP A 22 7.76 3.32 -3.08
CA ASP A 22 9.09 2.81 -3.39
C ASP A 22 9.68 3.55 -4.56
N LEU A 23 8.92 3.62 -5.62
CA LEU A 23 9.36 4.27 -6.83
C LEU A 23 9.45 5.78 -6.67
N ASN A 24 9.51 6.21 -5.42
CA ASN A 24 9.65 7.61 -5.08
C ASN A 24 10.66 7.74 -3.96
N LEU A 25 10.69 6.73 -3.09
CA LEU A 25 11.61 6.65 -1.98
C LEU A 25 12.33 5.31 -2.03
N ASP A 26 12.76 4.98 -3.23
CA ASP A 26 13.46 3.73 -3.51
C ASP A 26 13.79 3.59 -4.99
N SER A 27 13.03 4.25 -5.84
CA SER A 27 13.28 4.17 -7.27
C SER A 27 14.36 5.18 -7.65
N LEU A 28 14.42 6.27 -6.89
CA LEU A 28 15.41 7.31 -7.17
C LEU A 28 16.55 7.26 -6.16
N TRP A 29 16.64 6.13 -5.48
CA TRP A 29 17.69 5.88 -4.50
C TRP A 29 18.53 4.70 -4.98
N GLU A 30 18.04 4.10 -6.07
CA GLU A 30 18.64 2.93 -6.69
C GLU A 30 19.85 3.31 -7.54
N LEU A 1 -17.13 -3.71 18.36
CA LEU A 1 -17.14 -2.96 17.07
C LEU A 1 -16.98 -3.91 15.88
N TYR A 2 -16.67 -3.35 14.71
CA TYR A 2 -16.49 -4.16 13.51
C TYR A 2 -15.16 -3.85 12.82
N PRO A 3 -14.73 -4.71 11.89
CA PRO A 3 -13.50 -4.53 11.14
C PRO A 3 -13.56 -3.32 10.25
N ASP A 4 -12.53 -3.15 9.44
CA ASP A 4 -12.51 -2.08 8.49
C ASP A 4 -13.45 -2.45 7.36
N LEU A 5 -13.92 -3.69 7.44
CA LEU A 5 -14.80 -4.27 6.44
C LEU A 5 -14.06 -4.33 5.11
N SER A 6 -12.80 -3.92 5.16
CA SER A 6 -11.93 -3.92 4.01
C SER A 6 -10.81 -4.92 4.22
N GLU A 7 -9.86 -4.57 5.11
CA GLU A 7 -8.68 -5.40 5.47
C GLU A 7 -8.39 -6.54 4.46
N ILE A 8 -8.70 -6.30 3.21
CA ILE A 8 -8.52 -7.21 2.08
C ILE A 8 -9.22 -6.51 0.96
N LYS A 9 -8.76 -5.29 0.84
CA LYS A 9 -9.25 -4.28 -0.06
C LYS A 9 -8.40 -3.07 0.24
N LYS A 10 -8.21 -2.86 1.55
CA LYS A 10 -7.36 -1.86 2.12
C LYS A 10 -5.93 -2.24 1.83
N GLU A 11 -5.60 -3.46 2.25
CA GLU A 11 -4.29 -4.06 2.02
C GLU A 11 -4.07 -4.18 0.53
N TYR A 12 -5.19 -4.28 -0.17
CA TYR A 12 -5.20 -4.36 -1.61
C TYR A 12 -5.11 -2.95 -2.13
N ASN A 13 -5.56 -2.05 -1.29
CA ASN A 13 -5.55 -0.65 -1.57
C ASN A 13 -4.22 -0.06 -1.18
N VAL A 14 -3.47 -0.82 -0.42
CA VAL A 14 -2.18 -0.35 0.05
C VAL A 14 -1.04 -1.04 -0.67
N LYS A 15 -1.25 -2.28 -1.04
CA LYS A 15 -0.25 -3.06 -1.74
C LYS A 15 0.15 -2.38 -3.03
N GLU A 16 -0.79 -1.63 -3.55
CA GLU A 16 -0.59 -0.88 -4.78
C GLU A 16 0.17 0.41 -4.49
N LYS A 17 0.08 0.83 -3.25
CA LYS A 17 0.73 2.02 -2.76
C LYS A 17 1.98 1.66 -2.05
N ASP A 18 1.95 0.51 -1.44
CA ASP A 18 3.12 0.00 -0.73
C ASP A 18 4.10 -0.56 -1.75
N GLN A 19 3.79 -0.30 -3.00
CA GLN A 19 4.60 -0.77 -4.10
C GLN A 19 5.06 0.37 -5.02
N VAL A 20 4.43 1.54 -4.89
CA VAL A 20 4.78 2.68 -5.72
C VAL A 20 5.66 3.67 -4.98
N GLU A 21 5.25 4.04 -3.77
CA GLU A 21 6.02 4.99 -2.96
C GLU A 21 7.51 4.66 -3.07
N ASP A 22 7.80 3.37 -3.22
CA ASP A 22 9.15 2.88 -3.37
C ASP A 22 9.80 3.48 -4.59
N LEU A 23 9.11 3.37 -5.70
CA LEU A 23 9.60 3.88 -6.95
C LEU A 23 9.63 5.40 -7.00
N ASN A 24 9.59 6.00 -5.82
CA ASN A 24 9.66 7.43 -5.67
C ASN A 24 10.60 7.75 -4.51
N LEU A 25 10.58 6.87 -3.52
CA LEU A 25 11.44 7.00 -2.35
C LEU A 25 12.21 5.70 -2.18
N ASP A 26 12.73 5.22 -3.29
CA ASP A 26 13.49 3.98 -3.36
C ASP A 26 13.92 3.67 -4.79
N SER A 27 13.20 4.17 -5.77
CA SER A 27 13.55 3.92 -7.16
C SER A 27 14.57 4.94 -7.63
N LEU A 28 14.57 6.11 -7.00
CA LEU A 28 15.50 7.16 -7.37
C LEU A 28 16.60 7.31 -6.31
N TRP A 29 16.68 6.30 -5.46
CA TRP A 29 17.67 6.24 -4.40
C TRP A 29 18.59 5.04 -4.64
N GLU A 30 18.22 4.27 -5.67
CA GLU A 30 18.90 3.05 -6.05
C GLU A 30 20.00 3.33 -7.08
#